data_6UMK
#
_entry.id   6UMK
#
_cell.length_a   37.427
_cell.length_b   85.189
_cell.length_c   41.398
_cell.angle_alpha   90.000
_cell.angle_beta   106.920
_cell.angle_gamma   90.000
#
_symmetry.space_group_name_H-M   'P 1 21 1'
#
loop_
_entity.id
_entity.type
_entity.pdbx_description
1 polymer 'Cell division protein FtsZ'
2 non-polymer "GUANOSINE-5'-DIPHOSPHATE"
3 water water
#
_entity_poly.entity_id   1
_entity_poly.type   'polypeptide(L)'
_entity_poly.pdbx_seq_one_letter_code
;MDAVIKVIGVGGGGGNAVEHMVRERIEGVEFFAVNTDAQALRKTAVGQTIQIGSGITKGLGAGANPEVGRNAADEDRDAL
RAALEGADMVFIAAGMGGGTGTGAAPVVAEVAKDLGILTVAVVTKPFNFEGKKRMAFAEQGITELSKHVDSLITIPNDKL
LKVLGRGISELDAFGAANDVLKGAVQGIAELITRPGLMNVDFADVRTVMSEMGYAMMGSGVASGEDRAEEAAEMAISSPL
LEDIDLSGARGVLVNITAGFDLRLDEFETVGNTIRAFASDNATVVIGTSLDPDMNDELRVTVVATGIG
;
_entity_poly.pdbx_strand_id   A
#
loop_
_chem_comp.id
_chem_comp.type
_chem_comp.name
_chem_comp.formula
GDP RNA linking GUANOSINE-5'-DIPHOSPHATE 'C10 H15 N5 O11 P2'
#
# COMPACT_ATOMS: atom_id res chain seq x y z
N ASP A 2 8.50 19.06 -7.19
CA ASP A 2 8.22 18.05 -6.18
C ASP A 2 7.51 16.85 -6.80
N ALA A 3 7.61 15.72 -6.12
CA ALA A 3 6.99 14.49 -6.61
C ALA A 3 5.47 14.60 -6.49
N VAL A 4 4.79 13.99 -7.45
CA VAL A 4 3.34 13.90 -7.44
C VAL A 4 2.96 12.44 -7.16
N ILE A 5 2.44 12.19 -5.97
CA ILE A 5 2.10 10.85 -5.52
C ILE A 5 0.64 10.84 -5.12
N LYS A 6 -0.14 9.99 -5.77
CA LYS A 6 -1.57 9.92 -5.53
C LYS A 6 -1.93 8.60 -4.89
N VAL A 7 -2.79 8.63 -3.88
CA VAL A 7 -3.21 7.44 -3.15
C VAL A 7 -4.71 7.31 -3.32
N ILE A 8 -5.14 6.23 -3.96
CA ILE A 8 -6.54 6.07 -4.37
C ILE A 8 -7.18 4.95 -3.57
N GLY A 9 -8.22 5.26 -2.80
CA GLY A 9 -9.02 4.26 -2.13
C GLY A 9 -10.23 3.92 -2.98
N VAL A 10 -10.37 2.65 -3.33
CA VAL A 10 -11.41 2.20 -4.24
C VAL A 10 -12.42 1.37 -3.48
N GLY A 11 -13.69 1.77 -3.53
CA GLY A 11 -14.75 1.05 -2.84
C GLY A 11 -14.83 1.42 -1.37
N GLY A 12 -15.73 0.74 -0.66
CA GLY A 12 -15.92 1.00 0.76
C GLY A 12 -14.70 0.64 1.59
N GLY A 13 -14.17 -0.57 1.42
CA GLY A 13 -13.02 -0.97 2.21
C GLY A 13 -11.79 -0.11 1.93
N GLY A 14 -11.50 0.13 0.66
CA GLY A 14 -10.37 0.97 0.31
C GLY A 14 -10.56 2.42 0.75
N GLY A 15 -11.79 2.93 0.64
CA GLY A 15 -12.07 4.28 1.15
C GLY A 15 -11.84 4.38 2.63
N ASN A 16 -12.24 3.35 3.39
CA ASN A 16 -12.01 3.33 4.82
C ASN A 16 -10.52 3.32 5.15
N ALA A 17 -9.72 2.53 4.43
CA ALA A 17 -8.28 2.53 4.66
C ALA A 17 -7.66 3.88 4.34
N VAL A 18 -8.07 4.53 3.24
CA VAL A 18 -7.52 5.84 2.90
C VAL A 18 -7.98 6.91 3.88
N GLU A 19 -9.20 6.79 4.42
CA GLU A 19 -9.63 7.72 5.47
C GLU A 19 -8.73 7.61 6.69
N HIS A 20 -8.29 6.40 7.04
CA HIS A 20 -7.34 6.21 8.12
C HIS A 20 -6.00 6.89 7.79
N MET A 21 -5.52 6.75 6.55
CA MET A 21 -4.31 7.44 6.13
C MET A 21 -4.44 8.96 6.24
N VAL A 22 -5.60 9.52 5.89
CA VAL A 22 -5.84 10.96 6.01
C VAL A 22 -5.76 11.38 7.47
N ARG A 23 -6.36 10.59 8.38
CA ARG A 23 -6.37 10.94 9.80
C ARG A 23 -4.99 10.81 10.42
N GLU A 24 -4.23 9.78 10.03
CA GLU A 24 -2.92 9.51 10.65
C GLU A 24 -1.77 10.20 9.93
N ARG A 25 -2.01 10.71 8.72
CA ARG A 25 -1.12 11.53 7.88
C ARG A 25 -0.10 10.68 7.12
N ILE A 26 0.04 10.99 5.82
CA ILE A 26 1.19 10.55 5.04
C ILE A 26 1.70 11.79 4.32
N GLU A 27 2.97 12.09 4.52
CA GLU A 27 3.50 13.38 4.08
C GLU A 27 3.50 13.48 2.56
N GLY A 28 2.98 14.58 2.02
CA GLY A 28 3.21 14.93 0.63
C GLY A 28 2.45 14.15 -0.41
N VAL A 29 1.43 13.39 -0.04
CA VAL A 29 0.64 12.64 -1.02
C VAL A 29 -0.74 13.26 -1.13
N GLU A 30 -1.38 13.01 -2.26
CA GLU A 30 -2.73 13.48 -2.56
C GLU A 30 -3.70 12.31 -2.49
N PHE A 31 -4.76 12.41 -1.69
CA PHE A 31 -5.68 11.31 -1.46
C PHE A 31 -6.95 11.46 -2.29
N PHE A 32 -7.43 10.33 -2.82
CA PHE A 32 -8.66 10.24 -3.62
C PHE A 32 -9.50 9.07 -3.14
N ALA A 33 -10.81 9.23 -3.22
CA ALA A 33 -11.75 8.13 -2.99
C ALA A 33 -12.54 7.90 -4.27
N VAL A 34 -12.48 6.68 -4.82
CA VAL A 34 -13.24 6.27 -5.99
C VAL A 34 -14.31 5.30 -5.52
N ASN A 35 -15.58 5.55 -5.89
CA ASN A 35 -16.63 4.69 -5.38
C ASN A 35 -17.85 4.81 -6.27
N THR A 36 -18.63 3.72 -6.33
CA THR A 36 -19.96 3.73 -6.91
C THR A 36 -20.98 4.31 -5.93
N ASP A 37 -20.66 4.30 -4.64
CA ASP A 37 -21.57 4.63 -3.54
C ASP A 37 -21.52 6.14 -3.35
N ALA A 38 -22.54 6.85 -3.86
CA ALA A 38 -22.56 8.31 -3.75
C ALA A 38 -22.64 8.78 -2.30
N GLN A 39 -23.33 8.03 -1.46
CA GLN A 39 -23.42 8.41 -0.05
C GLN A 39 -22.05 8.35 0.62
N ALA A 40 -21.27 7.30 0.34
CA ALA A 40 -19.94 7.21 0.89
C ALA A 40 -19.09 8.39 0.46
N LEU A 41 -19.25 8.82 -0.80
CA LEU A 41 -18.45 9.95 -1.29
C LEU A 41 -18.89 11.25 -0.64
N ARG A 42 -20.17 11.42 -0.31
CA ARG A 42 -20.59 12.61 0.44
C ARG A 42 -19.97 12.65 1.83
N LYS A 43 -19.85 11.49 2.48
CA LYS A 43 -19.45 11.43 3.88
C LYS A 43 -17.94 11.50 4.07
N THR A 44 -17.16 11.09 3.08
CA THR A 44 -15.74 10.87 3.33
C THR A 44 -14.99 12.16 3.61
N ALA A 45 -14.02 12.09 4.51
CA ALA A 45 -13.12 13.21 4.74
C ALA A 45 -12.02 13.31 3.68
N VAL A 46 -11.90 12.30 2.80
CA VAL A 46 -10.93 12.38 1.73
C VAL A 46 -11.32 13.55 0.83
N GLY A 47 -10.33 14.38 0.50
CA GLY A 47 -10.61 15.67 -0.11
C GLY A 47 -11.04 15.62 -1.55
N GLN A 48 -10.64 14.59 -2.29
CA GLN A 48 -11.05 14.45 -3.68
C GLN A 48 -11.82 13.13 -3.84
N THR A 49 -12.96 13.21 -4.49
CA THR A 49 -13.80 12.05 -4.74
C THR A 49 -14.06 11.90 -6.23
N ILE A 50 -14.22 10.67 -6.66
CA ILE A 50 -14.54 10.33 -8.04
C ILE A 50 -15.68 9.33 -8.02
N GLN A 51 -16.85 9.77 -8.46
CA GLN A 51 -18.00 8.91 -8.65
C GLN A 51 -17.82 8.10 -9.92
N ILE A 52 -17.92 6.77 -9.81
CA ILE A 52 -17.92 5.88 -10.99
C ILE A 52 -19.30 5.28 -11.15
N GLY A 53 -19.79 5.27 -12.39
CA GLY A 53 -21.15 4.89 -12.66
C GLY A 53 -22.13 5.98 -12.22
N SER A 54 -23.42 5.68 -12.42
CA SER A 54 -24.46 6.66 -12.14
C SER A 54 -24.69 6.87 -10.65
N GLY A 55 -24.24 5.96 -9.79
CA GLY A 55 -24.62 6.05 -8.41
C GLY A 55 -26.06 5.66 -8.12
N ILE A 56 -26.74 5.09 -9.10
CA ILE A 56 -28.11 4.60 -8.95
C ILE A 56 -28.06 3.08 -9.10
N THR A 57 -28.39 2.37 -8.02
CA THR A 57 -28.35 0.92 -8.06
C THR A 57 -29.51 0.36 -8.88
N GLY A 59 -30.96 -2.73 -8.92
CA GLY A 59 -31.31 -4.03 -8.38
C GLY A 59 -30.86 -4.25 -6.96
N LEU A 60 -31.69 -4.92 -6.17
CA LEU A 60 -31.33 -5.20 -4.78
C LEU A 60 -30.17 -6.19 -4.73
N GLY A 61 -29.14 -5.84 -3.96
CA GLY A 61 -27.96 -6.68 -3.88
C GLY A 61 -27.13 -6.75 -5.14
N ALA A 62 -27.38 -5.87 -6.11
CA ALA A 62 -26.63 -5.91 -7.36
C ALA A 62 -25.20 -5.45 -7.18
N GLY A 63 -24.95 -4.56 -6.21
CA GLY A 63 -23.64 -3.98 -6.00
C GLY A 63 -22.58 -4.94 -5.47
N ALA A 64 -22.95 -6.19 -5.16
CA ALA A 64 -21.98 -7.15 -4.65
C ALA A 64 -21.19 -7.82 -5.76
N ASN A 65 -21.70 -7.82 -6.98
CA ASN A 65 -20.99 -8.41 -8.09
C ASN A 65 -19.84 -7.50 -8.50
N PRO A 66 -18.60 -8.02 -8.58
CA PRO A 66 -17.50 -7.21 -9.14
C PRO A 66 -17.78 -6.70 -10.53
N GLU A 67 -18.66 -7.35 -11.29
CA GLU A 67 -19.02 -6.85 -12.61
C GLU A 67 -19.57 -5.43 -12.53
N VAL A 68 -20.35 -5.13 -11.50
CA VAL A 68 -20.92 -3.79 -11.37
C VAL A 68 -19.82 -2.75 -11.17
N GLY A 69 -18.84 -3.04 -10.30
CA GLY A 69 -17.75 -2.09 -10.12
C GLY A 69 -16.89 -1.93 -11.36
N ARG A 70 -16.65 -3.03 -12.08
CA ARG A 70 -15.88 -2.98 -13.31
C ARG A 70 -16.59 -2.14 -14.37
N ASN A 71 -17.88 -2.41 -14.60
CA ASN A 71 -18.62 -1.63 -15.59
C ASN A 71 -18.70 -0.16 -15.22
N ALA A 72 -18.87 0.15 -13.93
CA ALA A 72 -18.93 1.54 -13.48
C ALA A 72 -17.61 2.26 -13.74
N ALA A 73 -16.51 1.62 -13.39
CA ALA A 73 -15.21 2.25 -13.63
C ALA A 73 -14.95 2.40 -15.12
N ASP A 74 -15.33 1.41 -15.93
CA ASP A 74 -15.12 1.53 -17.37
C ASP A 74 -15.92 2.68 -17.96
N GLU A 75 -17.16 2.89 -17.47
CA GLU A 75 -17.97 4.00 -17.97
C GLU A 75 -17.33 5.36 -17.69
N ASP A 76 -16.49 5.45 -16.66
CA ASP A 76 -15.93 6.71 -16.19
C ASP A 76 -14.41 6.71 -16.29
N ARG A 77 -13.88 5.97 -17.25
CA ARG A 77 -12.44 5.95 -17.48
C ARG A 77 -11.87 7.33 -17.77
N ASP A 78 -12.65 8.22 -18.40
CA ASP A 78 -12.15 9.57 -18.63
C ASP A 78 -11.87 10.31 -17.32
N ALA A 79 -12.75 10.17 -16.34
CA ALA A 79 -12.54 10.84 -15.07
C ALA A 79 -11.37 10.23 -14.31
N LEU A 80 -11.20 8.91 -14.40
CA LEU A 80 -10.04 8.28 -13.78
C LEU A 80 -8.75 8.76 -14.43
N ARG A 81 -8.71 8.78 -15.77
CA ARG A 81 -7.51 9.24 -16.46
C ARG A 81 -7.17 10.67 -16.08
N ALA A 82 -8.19 11.55 -16.04
CA ALA A 82 -7.96 12.96 -15.76
C ALA A 82 -7.44 13.20 -14.34
N ALA A 83 -7.85 12.34 -13.40
CA ALA A 83 -7.38 12.45 -12.02
C ALA A 83 -5.97 11.94 -11.83
N LEU A 84 -5.57 10.93 -12.58
CA LEU A 84 -4.26 10.32 -12.43
C LEU A 84 -3.18 10.98 -13.26
N GLU A 85 -3.54 11.65 -14.37
CA GLU A 85 -2.55 12.20 -15.28
C GLU A 85 -1.57 13.10 -14.52
N GLY A 86 -0.29 12.92 -14.81
CA GLY A 86 0.74 13.73 -14.20
C GLY A 86 1.33 13.16 -12.93
N ALA A 87 0.81 12.05 -12.41
CA ALA A 87 1.40 11.48 -11.21
C ALA A 87 2.73 10.81 -11.54
N ASP A 88 3.65 10.84 -10.57
CA ASP A 88 4.87 10.04 -10.63
C ASP A 88 4.64 8.63 -10.07
N MET A 89 3.70 8.49 -9.15
CA MET A 89 3.41 7.19 -8.56
C MET A 89 1.96 7.21 -8.10
N VAL A 90 1.30 6.07 -8.23
CA VAL A 90 -0.07 5.88 -7.76
C VAL A 90 -0.10 4.65 -6.87
N PHE A 91 -0.74 4.78 -5.70
CA PHE A 91 -1.06 3.67 -4.83
C PHE A 91 -2.56 3.40 -4.88
N ILE A 92 -2.94 2.14 -4.98
CA ILE A 92 -4.33 1.74 -5.02
C ILE A 92 -4.61 0.89 -3.81
N ALA A 93 -5.55 1.32 -2.98
CA ALA A 93 -5.95 0.58 -1.79
C ALA A 93 -7.38 0.07 -1.97
N ALA A 94 -7.59 -1.22 -1.69
CA ALA A 94 -8.91 -1.81 -1.81
C ALA A 94 -9.05 -2.97 -0.85
N GLY A 95 -10.27 -3.18 -0.37
CA GLY A 95 -10.60 -4.41 0.32
C GLY A 95 -11.25 -5.35 -0.67
N MET A 96 -10.54 -6.38 -1.12
CA MET A 96 -11.09 -7.25 -2.16
C MET A 96 -12.16 -8.16 -1.57
N GLY A 97 -13.17 -8.45 -2.39
CA GLY A 97 -14.27 -9.32 -1.99
C GLY A 97 -15.64 -8.72 -2.24
N GLY A 98 -15.74 -7.39 -2.33
CA GLY A 98 -17.00 -6.74 -2.64
C GLY A 98 -17.15 -6.51 -4.13
N GLY A 99 -18.14 -5.71 -4.49
CA GLY A 99 -18.41 -5.41 -5.90
C GLY A 99 -17.55 -4.30 -6.47
N THR A 100 -17.30 -3.26 -5.68
CA THR A 100 -16.65 -2.07 -6.19
C THR A 100 -15.14 -2.14 -6.15
N GLY A 101 -14.56 -2.39 -4.98
CA GLY A 101 -13.13 -2.60 -4.89
C GLY A 101 -12.67 -3.67 -5.85
N THR A 102 -13.30 -4.85 -5.79
CA THR A 102 -12.83 -5.98 -6.56
C THR A 102 -12.86 -5.67 -8.05
N GLY A 103 -13.98 -5.09 -8.53
CA GLY A 103 -14.12 -4.86 -9.94
C GLY A 103 -13.53 -3.57 -10.46
N ALA A 104 -13.57 -2.50 -9.64
CA ALA A 104 -13.05 -1.21 -10.11
C ALA A 104 -11.56 -1.04 -9.91
N ALA A 105 -10.97 -1.64 -8.87
CA ALA A 105 -9.54 -1.46 -8.64
C ALA A 105 -8.68 -1.84 -9.83
N PRO A 106 -8.94 -2.95 -10.54
CA PRO A 106 -8.09 -3.26 -11.70
C PRO A 106 -8.26 -2.26 -12.83
N VAL A 107 -9.42 -1.62 -12.93
CA VAL A 107 -9.63 -0.59 -13.96
C VAL A 107 -8.80 0.65 -13.63
N VAL A 108 -8.83 1.08 -12.36
CA VAL A 108 -8.00 2.20 -11.94
C VAL A 108 -6.54 1.88 -12.23
N ALA A 109 -6.09 0.66 -11.86
CA ALA A 109 -4.70 0.29 -12.07
C ALA A 109 -4.33 0.34 -13.55
N GLU A 110 -5.18 -0.23 -14.42
CA GLU A 110 -4.85 -0.19 -15.84
C GLU A 110 -4.80 1.23 -16.40
N VAL A 111 -5.71 2.10 -15.96
CA VAL A 111 -5.64 3.50 -16.39
C VAL A 111 -4.29 4.10 -16.06
N ALA A 112 -3.80 3.88 -14.83
CA ALA A 112 -2.49 4.38 -14.41
C ALA A 112 -1.37 3.74 -15.19
N LYS A 113 -1.42 2.42 -15.36
CA LYS A 113 -0.39 1.72 -16.13
C LYS A 113 -0.31 2.27 -17.54
N ASP A 114 -1.46 2.48 -18.18
CA ASP A 114 -1.46 2.93 -19.56
C ASP A 114 -0.94 4.36 -19.69
N LEU A 115 -1.04 5.15 -18.61
CA LEU A 115 -0.42 6.47 -18.56
C LEU A 115 1.07 6.42 -18.27
N GLY A 116 1.63 5.23 -18.01
CA GLY A 116 3.04 5.07 -17.72
C GLY A 116 3.42 5.34 -16.28
N ILE A 117 2.47 5.33 -15.35
CA ILE A 117 2.71 5.71 -13.98
C ILE A 117 3.07 4.47 -13.17
N LEU A 118 4.11 4.56 -12.36
CA LEU A 118 4.45 3.47 -11.45
C LEU A 118 3.29 3.22 -10.51
N THR A 119 2.75 2.01 -10.51
CA THR A 119 1.48 1.71 -9.83
C THR A 119 1.69 0.58 -8.84
N VAL A 120 1.38 0.83 -7.56
CA VAL A 120 1.51 -0.14 -6.48
C VAL A 120 0.15 -0.33 -5.83
N ALA A 121 -0.30 -1.57 -5.73
CA ALA A 121 -1.57 -1.85 -5.08
C ALA A 121 -1.31 -2.51 -3.74
N VAL A 122 -2.09 -2.12 -2.74
CA VAL A 122 -2.02 -2.70 -1.40
C VAL A 122 -3.45 -3.04 -1.04
N VAL A 123 -3.76 -4.32 -1.00
CA VAL A 123 -5.15 -4.74 -0.90
C VAL A 123 -5.29 -5.81 0.18
N THR A 124 -6.51 -5.97 0.66
CA THR A 124 -6.81 -7.05 1.60
C THR A 124 -7.65 -8.15 0.96
N LYS A 125 -7.58 -9.34 1.54
CA LYS A 125 -8.54 -10.42 1.29
C LYS A 125 -9.47 -10.54 2.48
N PRO A 126 -10.69 -10.99 2.26
CA PRO A 126 -11.69 -11.03 3.33
C PRO A 126 -11.35 -12.07 4.39
N PHE A 127 -11.91 -11.88 5.58
CA PHE A 127 -11.85 -12.92 6.59
C PHE A 127 -12.56 -14.16 6.09
N ASN A 128 -12.10 -15.33 6.54
CA ASN A 128 -12.80 -16.55 6.15
C ASN A 128 -14.26 -16.53 6.57
N PHE A 129 -14.60 -15.87 7.69
CA PHE A 129 -16.00 -15.82 8.12
C PHE A 129 -16.90 -15.08 7.14
N GLU A 130 -16.33 -14.30 6.21
CA GLU A 130 -17.16 -13.62 5.22
C GLU A 130 -17.69 -14.57 4.16
N GLY A 131 -17.22 -15.80 4.10
CA GLY A 131 -17.80 -16.78 3.22
C GLY A 131 -16.96 -17.06 2.00
N LYS A 132 -17.24 -18.20 1.37
CA LYS A 132 -16.45 -18.61 0.22
C LYS A 132 -16.69 -17.73 -0.99
N LYS A 133 -17.92 -17.22 -1.15
CA LYS A 133 -18.24 -16.45 -2.34
C LYS A 133 -17.41 -15.17 -2.40
N ARG A 134 -17.36 -14.46 -1.30
CA ARG A 134 -16.53 -13.25 -1.21
C ARG A 134 -15.06 -13.60 -1.42
N MET A 135 -14.59 -14.73 -0.87
CA MET A 135 -13.20 -15.11 -1.07
C MET A 135 -12.92 -15.41 -2.54
N ALA A 136 -13.87 -16.08 -3.23
CA ALA A 136 -13.71 -16.31 -4.66
C ALA A 136 -13.71 -15.02 -5.47
N PHE A 137 -14.64 -14.11 -5.17
CA PHE A 137 -14.59 -12.79 -5.81
C PHE A 137 -13.25 -12.10 -5.57
N ALA A 138 -12.76 -12.17 -4.34
CA ALA A 138 -11.52 -11.49 -4.01
C ALA A 138 -10.36 -12.06 -4.80
N GLU A 139 -10.27 -13.40 -4.88
CA GLU A 139 -9.14 -14.00 -5.57
C GLU A 139 -9.22 -13.75 -7.07
N GLN A 140 -10.42 -13.80 -7.65
CA GLN A 140 -10.55 -13.46 -9.05
C GLN A 140 -10.15 -12.01 -9.30
N GLY A 141 -10.50 -11.11 -8.38
CA GLY A 141 -10.13 -9.71 -8.54
C GLY A 141 -8.63 -9.50 -8.42
N ILE A 142 -7.99 -10.24 -7.52
CA ILE A 142 -6.54 -10.16 -7.39
C ILE A 142 -5.85 -10.67 -8.67
N THR A 143 -6.35 -11.77 -9.24
CA THR A 143 -5.84 -12.22 -10.54
C THR A 143 -5.88 -11.08 -11.57
N GLU A 144 -7.02 -10.41 -11.67
CA GLU A 144 -7.14 -9.32 -12.63
C GLU A 144 -6.23 -8.15 -12.25
N LEU A 145 -6.21 -7.77 -10.96
CA LEU A 145 -5.40 -6.64 -10.52
C LEU A 145 -3.93 -6.88 -10.83
N SER A 146 -3.47 -8.14 -10.67
CA SER A 146 -2.07 -8.47 -10.89
C SER A 146 -1.62 -8.23 -12.32
N LYS A 147 -2.53 -8.19 -13.30
CA LYS A 147 -2.16 -7.92 -14.68
C LYS A 147 -1.85 -6.45 -14.95
N HIS A 148 -2.20 -5.56 -14.04
CA HIS A 148 -2.21 -4.12 -14.30
C HIS A 148 -1.43 -3.30 -13.30
N VAL A 149 -0.69 -3.92 -12.41
CA VAL A 149 0.06 -3.17 -11.41
C VAL A 149 1.53 -3.53 -11.54
N ASP A 150 2.37 -2.63 -11.04
CA ASP A 150 3.80 -2.92 -11.01
C ASP A 150 4.17 -3.81 -9.84
N SER A 151 3.63 -3.52 -8.66
CA SER A 151 3.85 -4.34 -7.48
C SER A 151 2.53 -4.49 -6.77
N LEU A 152 2.28 -5.68 -6.23
CA LEU A 152 1.03 -5.99 -5.54
C LEU A 152 1.34 -6.57 -4.17
N ILE A 153 0.84 -5.90 -3.13
CA ILE A 153 0.92 -6.40 -1.76
C ILE A 153 -0.48 -6.83 -1.35
N THR A 154 -0.64 -8.11 -1.05
CA THR A 154 -1.93 -8.70 -0.66
C THR A 154 -1.87 -9.09 0.80
N ILE A 155 -2.73 -8.49 1.61
CA ILE A 155 -2.81 -8.68 3.06
C ILE A 155 -4.05 -9.51 3.37
N PRO A 156 -3.94 -10.79 3.69
CA PRO A 156 -5.12 -11.55 4.11
C PRO A 156 -5.54 -11.13 5.51
N ASN A 157 -6.81 -10.74 5.66
CA ASN A 157 -7.31 -10.35 6.97
C ASN A 157 -7.12 -11.45 8.00
N ASP A 158 -7.20 -12.71 7.58
CA ASP A 158 -7.03 -13.83 8.51
C ASP A 158 -5.62 -13.87 9.09
N LYS A 159 -4.63 -13.41 8.33
CA LYS A 159 -3.25 -13.44 8.82
C LYS A 159 -3.00 -12.39 9.89
N LEU A 160 -3.67 -11.25 9.79
CA LEU A 160 -3.51 -10.19 10.78
C LEU A 160 -4.16 -10.58 12.10
N LEU A 161 -5.45 -10.84 12.08
CA LEU A 161 -6.18 -11.15 13.30
C LEU A 161 -6.48 -12.65 13.48
N GLY A 165 -11.63 -11.53 19.17
CA GLY A 165 -11.92 -11.59 20.58
C GLY A 165 -13.00 -10.60 20.99
N ARG A 166 -13.31 -10.62 22.28
CA ARG A 166 -14.31 -9.74 22.85
C ARG A 166 -13.80 -8.31 22.92
N GLY A 167 -14.72 -7.36 22.85
CA GLY A 167 -14.37 -5.96 22.76
C GLY A 167 -13.82 -5.54 21.41
N ILE A 168 -13.57 -6.49 20.51
CA ILE A 168 -13.10 -6.19 19.15
C ILE A 168 -14.34 -6.00 18.29
N SER A 169 -14.64 -4.74 17.96
CA SER A 169 -15.73 -4.44 17.05
C SER A 169 -15.32 -4.69 15.61
N GLU A 170 -16.32 -4.63 14.73
CA GLU A 170 -16.03 -4.63 13.29
C GLU A 170 -15.12 -3.46 12.91
N LEU A 171 -15.35 -2.28 13.50
CA LEU A 171 -14.44 -1.17 13.23
C LEU A 171 -13.02 -1.51 13.65
N ASP A 172 -12.86 -2.12 14.83
CA ASP A 172 -11.54 -2.47 15.32
C ASP A 172 -10.91 -3.57 14.48
N ALA A 173 -11.72 -4.50 13.98
CA ALA A 173 -11.21 -5.62 13.20
C ALA A 173 -10.55 -5.14 11.91
N PHE A 174 -11.12 -4.11 11.28
CA PHE A 174 -10.55 -3.57 10.06
C PHE A 174 -9.48 -2.53 10.33
N GLY A 175 -9.45 -1.97 11.53
CA GLY A 175 -8.36 -1.07 11.89
C GLY A 175 -6.99 -1.72 11.75
N ALA A 176 -6.88 -3.01 12.08
CA ALA A 176 -5.61 -3.69 11.92
C ALA A 176 -5.16 -3.70 10.46
N ALA A 177 -6.07 -4.02 9.54
CA ALA A 177 -5.74 -3.94 8.13
C ALA A 177 -5.38 -2.53 7.74
N ASN A 178 -6.15 -1.54 8.21
CA ASN A 178 -5.90 -0.15 7.86
C ASN A 178 -4.49 0.27 8.24
N ASP A 179 -3.99 -0.20 9.39
CA ASP A 179 -2.66 0.21 9.84
C ASP A 179 -1.57 -0.39 8.95
N VAL A 180 -1.79 -1.62 8.47
CA VAL A 180 -0.79 -2.24 7.60
C VAL A 180 -0.78 -1.58 6.24
N LEU A 181 -1.97 -1.29 5.69
CA LEU A 181 -2.03 -0.63 4.39
C LEU A 181 -1.36 0.73 4.48
N LYS A 182 -1.61 1.46 5.57
CA LYS A 182 -0.97 2.75 5.75
C LYS A 182 0.54 2.59 5.86
N GLY A 183 1.01 1.61 6.62
CA GLY A 183 2.44 1.42 6.76
C GLY A 183 3.15 1.15 5.45
N ALA A 184 2.51 0.38 4.55
CA ALA A 184 3.14 0.11 3.26
C ALA A 184 3.18 1.37 2.40
N VAL A 185 2.05 2.07 2.29
CA VAL A 185 2.01 3.29 1.48
C VAL A 185 2.97 4.33 2.03
N GLN A 186 2.92 4.58 3.34
CA GLN A 186 3.77 5.59 3.95
C GLN A 186 5.24 5.21 3.79
N GLY A 187 5.56 3.94 4.02
CA GLY A 187 6.94 3.52 3.95
C GLY A 187 7.56 3.72 2.60
N ILE A 188 6.79 3.51 1.52
CA ILE A 188 7.32 3.75 0.18
C ILE A 188 7.30 5.22 -0.16
N ALA A 189 6.17 5.88 0.06
CA ALA A 189 6.00 7.24 -0.43
C ALA A 189 6.91 8.23 0.28
N GLU A 190 7.08 8.09 1.60
CA GLU A 190 7.79 9.12 2.35
C GLU A 190 9.28 9.12 2.07
N LEU A 191 9.84 8.05 1.50
CA LEU A 191 11.20 8.11 0.98
C LEU A 191 11.34 9.19 -0.07
N ILE A 192 10.27 9.46 -0.81
CA ILE A 192 10.30 10.44 -1.89
C ILE A 192 9.83 11.80 -1.39
N THR A 193 8.79 11.83 -0.55
CA THR A 193 8.18 13.11 -0.17
C THR A 193 8.82 13.78 1.03
N ARG A 194 9.52 13.05 1.90
CA ARG A 194 10.22 13.68 3.02
C ARG A 194 11.52 12.95 3.32
N PRO A 195 12.50 13.06 2.44
CA PRO A 195 13.76 12.33 2.63
C PRO A 195 14.53 12.84 3.83
N GLY A 196 15.33 11.94 4.41
CA GLY A 196 16.31 12.29 5.41
C GLY A 196 17.69 12.41 4.80
N LEU A 197 18.70 12.18 5.63
CA LEU A 197 20.07 12.50 5.24
C LEU A 197 20.54 11.69 4.04
N MET A 198 20.04 10.48 3.87
CA MET A 198 20.36 9.66 2.71
C MET A 198 19.10 9.59 1.86
N ASN A 199 19.01 10.50 0.90
CA ASN A 199 17.83 10.58 0.06
C ASN A 199 17.87 9.45 -0.95
N VAL A 200 16.78 8.69 -1.04
CA VAL A 200 16.68 7.69 -2.08
C VAL A 200 16.51 8.35 -3.44
N ASP A 201 17.11 7.77 -4.45
CA ASP A 201 16.88 8.20 -5.82
C ASP A 201 15.63 7.50 -6.33
N PHE A 202 14.71 8.28 -6.91
CA PHE A 202 13.44 7.69 -7.35
C PHE A 202 13.64 6.63 -8.41
N ALA A 203 14.72 6.71 -9.19
CA ALA A 203 15.03 5.66 -10.14
C ALA A 203 15.32 4.35 -9.42
N ASP A 204 15.85 4.42 -8.20
CA ASP A 204 16.05 3.22 -7.40
C ASP A 204 14.71 2.66 -6.94
N VAL A 205 13.77 3.52 -6.54
CA VAL A 205 12.42 3.06 -6.23
C VAL A 205 11.80 2.38 -7.44
N ARG A 206 11.86 3.03 -8.60
CA ARG A 206 11.33 2.44 -9.82
C ARG A 206 12.02 1.11 -10.12
N THR A 207 13.34 1.04 -9.90
CA THR A 207 14.08 -0.18 -10.16
C THR A 207 13.53 -1.35 -9.35
N VAL A 208 13.18 -1.11 -8.09
CA VAL A 208 12.77 -2.22 -7.25
C VAL A 208 11.27 -2.42 -7.25
N MET A 209 10.48 -1.56 -7.89
CA MET A 209 9.03 -1.71 -7.88
C MET A 209 8.39 -1.88 -9.25
N SER A 210 9.03 -1.47 -10.34
CA SER A 210 8.40 -1.48 -11.66
C SER A 210 8.33 -2.89 -12.21
N GLU A 211 7.13 -3.33 -12.60
CA GLU A 211 6.91 -4.63 -13.25
C GLU A 211 7.58 -5.76 -12.46
N MET A 212 7.34 -5.77 -11.14
CA MET A 212 8.01 -6.72 -10.24
C MET A 212 7.10 -7.84 -9.76
N GLY A 213 5.80 -7.62 -9.72
CA GLY A 213 4.88 -8.67 -9.31
C GLY A 213 4.56 -8.61 -7.82
N TYR A 214 4.58 -9.75 -7.17
CA TYR A 214 4.19 -9.80 -5.76
C TYR A 214 5.25 -9.14 -4.89
N ALA A 215 4.78 -8.53 -3.81
CA ALA A 215 5.62 -7.88 -2.82
C ALA A 215 5.02 -8.10 -1.43
N MET A 216 5.81 -7.82 -0.40
CA MET A 216 5.29 -7.92 0.96
C MET A 216 6.08 -6.97 1.85
N MET A 217 5.46 -6.48 2.89
CA MET A 217 6.05 -5.47 3.77
C MET A 217 6.16 -6.00 5.20
N GLY A 218 7.26 -5.66 5.86
CA GLY A 218 7.37 -5.79 7.30
C GLY A 218 7.97 -4.52 7.88
N SER A 219 7.69 -4.27 9.16
CA SER A 219 8.19 -3.06 9.80
C SER A 219 8.58 -3.35 11.25
N GLY A 220 9.47 -2.51 11.77
CA GLY A 220 9.90 -2.61 13.16
C GLY A 220 10.30 -1.23 13.63
N VAL A 221 10.32 -1.07 14.95
CA VAL A 221 10.67 0.20 15.58
C VAL A 221 11.37 -0.09 16.88
N ALA A 222 12.36 0.73 17.20
CA ALA A 222 13.17 0.53 18.39
C ALA A 222 13.73 1.87 18.85
N SER A 223 14.17 1.91 20.10
CA SER A 223 14.84 3.06 20.66
C SER A 223 16.05 2.57 21.43
N GLY A 224 16.98 3.46 21.69
CA GLY A 224 18.17 3.09 22.42
C GLY A 224 19.40 2.98 21.53
N GLU A 225 20.46 2.45 22.13
CA GLU A 225 21.78 2.54 21.51
C GLU A 225 21.84 1.72 20.22
N ASP A 226 21.19 0.56 20.19
CA ASP A 226 21.20 -0.33 19.05
C ASP A 226 19.88 -0.27 18.27
N ARG A 227 19.23 0.90 18.26
CA ARG A 227 17.90 1.05 17.64
C ARG A 227 17.94 0.64 16.17
N ALA A 228 19.03 0.95 15.46
CA ALA A 228 19.07 0.67 14.03
C ALA A 228 19.05 -0.83 13.76
N GLU A 229 19.90 -1.58 14.46
CA GLU A 229 19.93 -3.03 14.33
C GLU A 229 18.61 -3.63 14.73
N GLU A 230 18.10 -3.23 15.89
CA GLU A 230 16.92 -3.84 16.47
C GLU A 230 15.68 -3.58 15.61
N ALA A 231 15.52 -2.36 15.11
CA ALA A 231 14.39 -2.06 14.23
C ALA A 231 14.45 -2.89 12.95
N ALA A 232 15.65 -3.00 12.35
CA ALA A 232 15.81 -3.77 11.12
C ALA A 232 15.52 -5.25 11.37
N GLU A 233 16.08 -5.82 12.43
CA GLU A 233 15.81 -7.22 12.76
C GLU A 233 14.32 -7.44 13.02
N MET A 234 13.66 -6.50 13.71
CA MET A 234 12.23 -6.62 13.96
C MET A 234 11.44 -6.61 12.66
N ALA A 235 11.80 -5.76 11.71
CA ALA A 235 11.10 -5.71 10.44
C ALA A 235 11.23 -7.04 9.69
N ILE A 236 12.45 -7.60 9.65
CA ILE A 236 12.67 -8.87 8.97
C ILE A 236 11.88 -10.00 9.62
N SER A 237 11.76 -9.97 10.95
CA SER A 237 11.05 -11.00 11.72
C SER A 237 9.56 -10.69 11.90
N SER A 238 9.03 -9.67 11.20
CA SER A 238 7.63 -9.32 11.35
C SER A 238 6.72 -10.46 10.87
N PRO A 239 5.55 -10.60 11.48
CA PRO A 239 4.63 -11.69 11.10
C PRO A 239 4.29 -11.77 9.62
N LEU A 240 4.34 -10.64 8.89
CA LEU A 240 4.00 -10.64 7.47
C LEU A 240 5.13 -11.19 6.60
N LEU A 241 6.38 -11.11 7.06
CA LEU A 241 7.51 -11.66 6.31
C LEU A 241 7.98 -13.02 6.83
N GLU A 242 7.25 -13.64 7.76
CA GLU A 242 7.71 -14.87 8.38
C GLU A 242 7.92 -15.97 7.37
N ASP A 243 7.18 -15.89 6.25
CA ASP A 243 7.18 -16.95 5.25
C ASP A 243 7.96 -16.58 4.02
N ILE A 244 8.58 -15.42 4.01
CA ILE A 244 9.25 -14.91 2.83
C ILE A 244 10.72 -14.81 3.16
N ASP A 245 11.54 -15.63 2.51
CA ASP A 245 12.98 -15.44 2.56
C ASP A 245 13.33 -14.22 1.72
N LEU A 246 13.96 -13.23 2.34
CA LEU A 246 14.34 -12.04 1.61
C LEU A 246 15.27 -12.35 0.44
N SER A 247 16.03 -13.44 0.51
CA SER A 247 16.92 -13.75 -0.60
C SER A 247 16.21 -14.38 -1.80
N GLY A 248 14.91 -14.58 -1.71
CA GLY A 248 14.09 -14.91 -2.86
C GLY A 248 13.43 -13.72 -3.51
N ALA A 249 13.73 -12.51 -3.03
CA ALA A 249 13.16 -11.28 -3.57
C ALA A 249 14.10 -10.66 -4.58
N ARG A 250 13.58 -10.40 -5.78
CA ARG A 250 14.40 -9.74 -6.80
C ARG A 250 14.69 -8.28 -6.44
N GLY A 251 13.90 -7.68 -5.56
CA GLY A 251 14.16 -6.33 -5.07
C GLY A 251 13.87 -6.22 -3.58
N VAL A 252 14.56 -5.27 -2.93
CA VAL A 252 14.27 -4.94 -1.54
C VAL A 252 14.34 -3.43 -1.40
N LEU A 253 13.26 -2.82 -0.91
CA LEU A 253 13.22 -1.39 -0.63
C LEU A 253 13.10 -1.20 0.87
N VAL A 254 13.93 -0.33 1.43
CA VAL A 254 14.00 -0.13 2.86
C VAL A 254 13.88 1.35 3.15
N ASN A 255 12.97 1.70 4.07
CA ASN A 255 12.80 3.06 4.59
C ASN A 255 13.19 3.07 6.06
N ILE A 256 14.22 3.86 6.38
CA ILE A 256 14.56 4.16 7.77
C ILE A 256 13.94 5.52 8.10
N THR A 257 12.99 5.55 9.03
CA THR A 257 12.36 6.80 9.44
C THR A 257 12.78 7.13 10.87
N ALA A 258 13.24 8.36 11.07
CA ALA A 258 13.62 8.84 12.40
C ALA A 258 13.66 10.37 12.33
N GLY A 259 14.09 10.99 13.44
CA GLY A 259 14.19 12.44 13.58
C GLY A 259 15.48 12.98 13.02
N PHE A 260 15.83 14.19 13.50
CA PHE A 260 16.98 14.94 12.98
C PHE A 260 18.31 14.27 13.28
N ASP A 261 18.35 13.39 14.28
CA ASP A 261 19.56 12.77 14.78
C ASP A 261 19.98 11.51 14.03
N LEU A 262 19.28 11.14 12.97
CA LEU A 262 19.62 9.89 12.29
C LEU A 262 21.03 9.98 11.73
N ARG A 263 21.85 8.97 12.03
CA ARG A 263 23.27 8.98 11.74
C ARG A 263 23.62 8.09 10.55
N LEU A 264 24.68 8.49 9.87
CA LEU A 264 25.23 7.69 8.77
C LEU A 264 25.58 6.28 9.23
N ASP A 265 26.13 6.14 10.45
CA ASP A 265 26.44 4.81 10.95
C ASP A 265 25.20 3.97 11.16
N GLU A 266 24.06 4.61 11.49
CA GLU A 266 22.83 3.84 11.58
C GLU A 266 22.32 3.44 10.20
N PHE A 267 22.44 4.33 9.21
CA PHE A 267 22.17 3.97 7.83
C PHE A 267 23.02 2.78 7.38
N GLU A 268 24.32 2.80 7.72
CA GLU A 268 25.20 1.71 7.34
C GLU A 268 24.80 0.40 8.02
N THR A 269 24.48 0.48 9.32
CA THR A 269 24.08 -0.70 10.10
C THR A 269 22.81 -1.33 9.54
N VAL A 270 21.76 -0.53 9.29
CA VAL A 270 20.54 -1.08 8.71
C VAL A 270 20.85 -1.73 7.37
N GLY A 271 21.63 -1.04 6.53
CA GLY A 271 22.02 -1.63 5.26
C GLY A 271 22.77 -2.95 5.41
N ASN A 272 23.69 -3.02 6.39
CA ASN A 272 24.38 -4.29 6.59
C ASN A 272 23.43 -5.40 6.98
N THR A 273 22.46 -5.09 7.87
CA THR A 273 21.52 -6.08 8.33
C THR A 273 20.64 -6.58 7.20
N ILE A 274 20.07 -5.66 6.43
CA ILE A 274 19.21 -6.07 5.33
C ILE A 274 20.01 -6.89 4.31
N ARG A 275 21.23 -6.44 4.00
CA ARG A 275 22.02 -7.17 3.02
C ARG A 275 22.46 -8.55 3.53
N ALA A 276 22.62 -8.71 4.85
CA ALA A 276 22.90 -10.02 5.40
C ALA A 276 21.77 -11.01 5.11
N PHE A 277 20.51 -10.55 5.16
CA PHE A 277 19.39 -11.47 4.99
C PHE A 277 18.93 -11.61 3.55
N ALA A 278 19.17 -10.61 2.71
CA ALA A 278 18.78 -10.61 1.31
C ALA A 278 19.81 -11.36 0.45
N SER A 279 19.43 -11.60 -0.81
CA SER A 279 20.30 -12.15 -1.84
C SER A 279 21.14 -11.02 -2.45
N ASP A 280 22.11 -11.40 -3.28
CA ASP A 280 22.88 -10.41 -4.02
C ASP A 280 22.75 -10.54 -5.53
N ASN A 281 22.01 -11.52 -6.01
CA ASN A 281 21.50 -11.52 -7.38
C ASN A 281 20.13 -10.84 -7.40
N ALA A 282 20.15 -9.55 -7.08
CA ALA A 282 18.93 -8.74 -6.95
C ALA A 282 19.34 -7.28 -6.84
N THR A 283 18.36 -6.41 -6.54
CA THR A 283 18.58 -4.98 -6.41
C THR A 283 18.09 -4.53 -5.05
N VAL A 284 18.97 -3.92 -4.25
CA VAL A 284 18.65 -3.41 -2.92
C VAL A 284 18.72 -1.89 -2.93
N VAL A 285 17.72 -1.26 -2.31
CA VAL A 285 17.62 0.20 -2.24
C VAL A 285 17.29 0.59 -0.80
N ILE A 286 18.15 1.39 -0.19
CA ILE A 286 17.95 1.83 1.19
C ILE A 286 17.88 3.35 1.19
N GLY A 287 16.78 3.89 1.72
CA GLY A 287 16.61 5.31 1.87
C GLY A 287 16.14 5.67 3.26
N THR A 288 16.02 6.98 3.49
CA THR A 288 15.65 7.49 4.80
C THR A 288 14.54 8.52 4.66
N SER A 289 13.78 8.67 5.72
CA SER A 289 12.79 9.71 5.79
C SER A 289 12.98 10.46 7.09
N LEU A 290 12.69 11.75 7.04
CA LEU A 290 12.79 12.60 8.22
C LEU A 290 11.40 12.84 8.78
N ASP A 291 11.19 12.45 10.04
CA ASP A 291 9.96 12.76 10.76
C ASP A 291 10.38 13.60 11.96
N PRO A 292 10.18 14.93 11.91
CA PRO A 292 10.69 15.78 13.00
C PRO A 292 10.08 15.52 14.36
N ASP A 293 8.97 14.80 14.45
CA ASP A 293 8.30 14.58 15.72
C ASP A 293 8.78 13.31 16.42
N MET A 294 9.61 12.51 15.76
CA MET A 294 10.15 11.31 16.37
C MET A 294 11.40 11.66 17.17
N ASN A 295 11.40 11.33 18.45
CA ASN A 295 12.54 11.46 19.32
C ASN A 295 12.80 10.10 19.94
N ASP A 296 14.06 9.67 19.93
CA ASP A 296 14.50 8.36 20.39
C ASP A 296 14.27 7.29 19.33
N GLU A 297 13.05 7.21 18.81
CA GLU A 297 12.63 6.05 18.02
C GLU A 297 13.18 6.10 16.60
N LEU A 298 13.39 4.91 16.04
CA LEU A 298 13.83 4.72 14.66
C LEU A 298 12.99 3.58 14.12
N ARG A 299 12.31 3.80 13.01
CA ARG A 299 11.48 2.79 12.36
C ARG A 299 12.16 2.29 11.10
N VAL A 300 12.07 0.98 10.86
CA VAL A 300 12.54 0.39 9.61
C VAL A 300 11.38 -0.32 8.95
N THR A 301 11.09 0.05 7.70
CA THR A 301 10.08 -0.61 6.90
C THR A 301 10.80 -1.28 5.73
N VAL A 302 10.53 -2.57 5.56
CA VAL A 302 11.14 -3.39 4.52
C VAL A 302 10.04 -3.84 3.56
N VAL A 303 10.23 -3.57 2.27
CA VAL A 303 9.33 -4.07 1.23
C VAL A 303 10.14 -4.99 0.34
N ALA A 304 9.80 -6.27 0.39
CA ALA A 304 10.39 -7.29 -0.47
C ALA A 304 9.58 -7.32 -1.76
N THR A 305 10.24 -7.15 -2.91
CA THR A 305 9.56 -7.11 -4.19
C THR A 305 10.06 -8.22 -5.10
N GLY A 306 9.24 -8.54 -6.10
CA GLY A 306 9.57 -9.64 -6.98
C GLY A 306 9.77 -10.96 -6.26
N ILE A 307 8.86 -11.28 -5.36
CA ILE A 307 8.86 -12.57 -4.67
C ILE A 307 7.97 -13.52 -5.44
N GLY A 308 8.19 -14.81 -5.24
CA GLY A 308 7.35 -15.77 -5.92
C GLY A 308 7.79 -17.21 -5.82
PB GDP B . -16.33 -2.46 -1.64
O1B GDP B . -16.03 -3.08 -2.97
O2B GDP B . -17.28 -1.26 -1.77
O3B GDP B . -15.09 -2.12 -0.85
O3A GDP B . -17.13 -3.58 -0.76
PA GDP B . -17.14 -3.67 0.86
O1A GDP B . -17.43 -2.35 1.53
O2A GDP B . -18.18 -4.72 1.20
O5' GDP B . -15.73 -4.25 1.31
C5' GDP B . -15.09 -5.27 0.54
C4' GDP B . -14.18 -6.03 1.49
O4' GDP B . -13.34 -5.15 2.23
C3' GDP B . -14.99 -6.78 2.54
O3' GDP B . -15.32 -8.10 2.06
C2' GDP B . -14.11 -6.79 3.76
O2' GDP B . -13.10 -7.81 3.78
C1' GDP B . -13.31 -5.49 3.61
N9 GDP B . -13.93 -4.35 4.33
C8 GDP B . -15.24 -4.12 4.51
N7 GDP B . -15.39 -2.97 5.21
C5 GDP B . -14.16 -2.47 5.46
C6 GDP B . -13.60 -1.29 6.13
O6 GDP B . -14.35 -0.43 6.66
N1 GDP B . -12.26 -1.18 6.16
C2 GDP B . -11.42 -2.06 5.58
N2 GDP B . -10.11 -1.83 5.68
N3 GDP B . -11.88 -3.16 4.94
C4 GDP B . -13.21 -3.37 4.86
#